data_6FTY
#
_entry.id   6FTY
#
_cell.length_a   55.326
_cell.length_b   49.861
_cell.length_c   39.427
_cell.angle_alpha   90.00
_cell.angle_beta   105.88
_cell.angle_gamma   90.00
#
_symmetry.space_group_name_H-M   'P 1 21 1'
#
loop_
_entity.id
_entity.type
_entity.pdbx_description
1 polymer 'Complement factor D'
2 non-polymer 4-[[(5~{S},7~{R})-3-azanyl-1-adamantyl]carbonylamino]-1~{H}-indole-2-carboxamide
3 non-polymer GLYCEROL
4 water water
#
_entity_poly.entity_id   1
_entity_poly.type   'polypeptide(L)'
_entity_poly.pdbx_seq_one_letter_code
;ILGGREAEAHARPYMASVQLNGAHLCGGVLVAEQWVLSAAHCLEDAADGKVQVLLGAHSLSQPEPSKRLYDVLRAVPHPD
SQPDTIDHDLLLLQLSEKATLGPAVRPLPWQRVDRDVAPGTLCDVAGWGIVNHAGRRPDSLQHVLLPVLDRATCNRRTHH
DGAITERLMCAESNRRDSCKGDSGGPLVCGGVLEGVVTSGSRVCGNRKKPGIYTRVASYAAWIDSVLASAAA
;
_entity_poly.pdbx_strand_id   A
#
loop_
_chem_comp.id
_chem_comp.type
_chem_comp.name
_chem_comp.formula
E7H non-polymer 4-[[(5~{S},7~{R})-3-azanyl-1-adamantyl]carbonylamino]-1~{H}-indole-2-carboxamide 'C20 H24 N4 O2'
GOL non-polymer GLYCEROL 'C3 H8 O3'
#
# COMPACT_ATOMS: atom_id res chain seq x y z
N ILE A 1 -8.29 -3.70 6.98
CA ILE A 1 -8.39 -5.01 6.31
C ILE A 1 -9.71 -5.63 6.79
N LEU A 2 -10.63 -6.00 5.89
CA LEU A 2 -11.86 -6.69 6.27
C LEU A 2 -11.63 -8.18 6.03
N GLY A 3 -12.16 -9.02 6.92
CA GLY A 3 -12.09 -10.48 6.79
C GLY A 3 -10.72 -11.10 6.89
N GLY A 4 -9.80 -10.38 7.50
CA GLY A 4 -8.42 -10.86 7.66
C GLY A 4 -8.18 -11.35 9.08
N ARG A 5 -6.89 -11.38 9.47
N ARG A 5 -6.91 -11.34 9.48
CA ARG A 5 -6.41 -11.86 10.77
CA ARG A 5 -6.42 -11.81 10.79
C ARG A 5 -5.18 -11.02 11.19
C ARG A 5 -5.21 -10.98 11.21
N GLU A 6 -4.81 -11.07 12.50
CA GLU A 6 -3.64 -10.35 12.97
C GLU A 6 -2.41 -10.93 12.30
N ALA A 7 -1.57 -10.06 11.71
CA ALA A 7 -0.33 -10.53 11.08
C ALA A 7 0.69 -10.98 12.15
N GLU A 8 1.61 -11.89 11.77
CA GLU A 8 2.71 -12.32 12.65
C GLU A 8 3.61 -11.11 12.81
N ALA A 9 3.83 -10.68 14.06
CA ALA A 9 4.65 -9.51 14.34
C ALA A 9 6.02 -9.53 13.64
N HIS A 10 6.33 -8.44 12.92
CA HIS A 10 7.60 -8.24 12.23
C HIS A 10 7.90 -9.24 11.09
N ALA A 11 6.91 -10.05 10.66
CA ALA A 11 7.07 -11.00 9.55
C ALA A 11 7.06 -10.32 8.18
N ARG A 12 6.63 -9.05 8.11
CA ARG A 12 6.63 -8.22 6.89
C ARG A 12 7.49 -7.02 7.19
N PRO A 13 8.84 -7.16 7.16
CA PRO A 13 9.72 -6.04 7.57
C PRO A 13 9.70 -4.83 6.66
N TYR A 14 9.04 -4.96 5.51
CA TYR A 14 8.90 -3.86 4.55
C TYR A 14 7.73 -2.95 4.84
N MET A 15 6.84 -3.41 5.71
CA MET A 15 5.60 -2.71 6.01
C MET A 15 5.83 -1.36 6.67
N ALA A 16 5.24 -0.30 6.11
CA ALA A 16 5.37 1.03 6.69
C ALA A 16 4.00 1.59 7.05
N SER A 17 3.92 2.40 8.13
CA SER A 17 2.72 3.16 8.46
C SER A 17 3.07 4.65 8.17
N VAL A 18 2.40 5.25 7.17
CA VAL A 18 2.58 6.64 6.74
C VAL A 18 1.61 7.39 7.62
N GLN A 19 2.13 8.33 8.40
CA GLN A 19 1.36 9.04 9.41
C GLN A 19 1.33 10.53 9.19
N LEU A 20 0.23 11.14 9.64
CA LEU A 20 0.10 12.61 9.57
C LEU A 20 -0.25 13.05 10.96
N ASN A 21 0.56 13.99 11.51
CA ASN A 21 0.43 14.51 12.88
C ASN A 21 0.25 13.40 13.95
N GLY A 22 1.08 12.36 13.86
CA GLY A 22 1.14 11.23 14.79
C GLY A 22 0.08 10.15 14.67
N ALA A 23 -0.82 10.26 13.68
CA ALA A 23 -1.89 9.28 13.46
C ALA A 23 -1.65 8.53 12.15
N HIS A 24 -1.83 7.18 12.17
CA HIS A 24 -1.79 6.37 10.97
C HIS A 24 -2.77 6.94 9.94
N LEU A 25 -2.28 7.12 8.68
CA LEU A 25 -3.08 7.67 7.60
C LEU A 25 -3.19 6.66 6.49
N CYS A 26 -2.04 6.11 6.09
CA CYS A 26 -1.96 5.16 4.97
C CYS A 26 -0.95 4.11 5.23
N GLY A 27 -1.04 3.03 4.47
CA GLY A 27 0.03 2.05 4.45
C GLY A 27 1.10 2.54 3.49
N GLY A 28 2.23 1.83 3.48
CA GLY A 28 3.41 2.14 2.68
C GLY A 28 4.32 0.94 2.65
N VAL A 29 5.31 0.95 1.74
N VAL A 29 5.32 0.97 1.74
CA VAL A 29 6.26 -0.16 1.55
CA VAL A 29 6.29 -0.11 1.54
C VAL A 29 7.68 0.38 1.36
C VAL A 29 7.68 0.48 1.46
N LEU A 30 8.61 -0.07 2.21
CA LEU A 30 10.03 0.36 2.13
C LEU A 30 10.57 -0.34 0.86
N VAL A 31 11.02 0.45 -0.13
CA VAL A 31 11.47 -0.06 -1.42
C VAL A 31 12.98 0.11 -1.63
N ALA A 32 13.59 0.94 -0.80
CA ALA A 32 15.03 1.19 -0.79
C ALA A 32 15.37 1.61 0.62
N GLU A 33 16.66 1.79 0.92
CA GLU A 33 17.07 2.15 2.27
C GLU A 33 16.45 3.45 2.79
N GLN A 34 16.28 4.44 1.91
CA GLN A 34 15.74 5.72 2.31
C GLN A 34 14.39 6.06 1.67
N TRP A 35 13.74 5.09 1.01
CA TRP A 35 12.53 5.37 0.25
C TRP A 35 11.35 4.47 0.56
N VAL A 36 10.18 5.08 0.83
CA VAL A 36 8.92 4.41 1.10
C VAL A 36 7.94 4.77 0.00
N LEU A 37 7.37 3.73 -0.64
CA LEU A 37 6.37 3.90 -1.69
C LEU A 37 4.97 3.80 -1.08
N SER A 38 4.09 4.73 -1.48
CA SER A 38 2.72 4.79 -1.01
C SER A 38 1.79 5.30 -2.12
N ALA A 39 0.58 5.69 -1.78
CA ALA A 39 -0.37 6.23 -2.75
C ALA A 39 -0.44 7.74 -2.67
N ALA A 40 -0.52 8.42 -3.82
CA ALA A 40 -0.58 9.89 -3.91
C ALA A 40 -1.78 10.57 -3.21
N HIS A 41 -3.01 10.02 -3.22
CA HIS A 41 -4.19 10.65 -2.55
C HIS A 41 -3.96 10.81 -1.02
N CYS A 42 -3.09 9.96 -0.44
CA CYS A 42 -2.72 10.02 0.99
C CYS A 42 -2.24 11.40 1.40
N LEU A 43 -1.37 12.01 0.58
CA LEU A 43 -0.74 13.31 0.82
C LEU A 43 -1.65 14.49 0.48
N GLU A 44 -2.83 14.23 -0.13
CA GLU A 44 -3.78 15.30 -0.46
C GLU A 44 -4.30 15.93 0.81
N ASP A 45 -4.35 17.27 0.80
CA ASP A 45 -4.82 18.13 1.90
C ASP A 45 -4.00 17.95 3.17
N ALA A 46 -2.83 17.28 3.07
CA ALA A 46 -1.91 17.10 4.19
C ALA A 46 -1.07 18.36 4.34
N ALA A 47 -0.91 19.14 3.24
CA ALA A 47 -0.10 20.38 3.16
C ALA A 47 -0.24 21.24 4.41
N ASP A 48 0.85 21.24 5.20
CA ASP A 48 1.10 21.90 6.50
C ASP A 48 1.49 20.84 7.54
N GLY A 49 0.62 19.83 7.69
CA GLY A 49 0.73 18.72 8.65
C GLY A 49 2.04 17.96 8.58
N LYS A 50 2.48 17.40 9.74
CA LYS A 50 3.72 16.66 9.84
C LYS A 50 3.56 15.22 9.36
N VAL A 51 4.24 14.88 8.25
CA VAL A 51 4.21 13.55 7.65
C VAL A 51 5.43 12.78 8.16
N GLN A 52 5.19 11.58 8.69
CA GLN A 52 6.26 10.71 9.19
C GLN A 52 6.03 9.28 8.72
N VAL A 53 7.05 8.42 8.86
CA VAL A 53 6.92 7.01 8.46
C VAL A 53 7.36 6.19 9.63
N LEU A 54 6.48 5.28 10.07
CA LEU A 54 6.81 4.36 11.14
C LEU A 54 7.22 3.01 10.53
N LEU A 55 8.51 2.64 10.73
CA LEU A 55 9.08 1.35 10.31
C LEU A 55 9.26 0.43 11.52
N GLY A 56 9.40 -0.86 11.25
CA GLY A 56 9.59 -1.92 12.23
C GLY A 56 8.49 -2.11 13.24
N ALA A 57 7.24 -1.74 12.89
CA ALA A 57 6.16 -1.79 13.84
C ALA A 57 5.24 -2.94 13.64
N HIS A 58 4.58 -3.33 14.74
CA HIS A 58 3.50 -4.27 14.72
C HIS A 58 2.36 -3.57 15.38
N SER A 59 2.57 -3.11 16.60
CA SER A 59 1.59 -2.30 17.31
C SER A 59 1.83 -0.83 16.96
N LEU A 60 0.76 -0.04 16.70
CA LEU A 60 0.94 1.40 16.48
C LEU A 60 1.19 2.15 17.81
N SER A 61 0.78 1.59 18.96
CA SER A 61 0.87 2.33 20.23
C SER A 61 1.92 1.84 21.23
N GLN A 62 2.28 0.57 21.19
CA GLN A 62 3.19 -0.03 22.18
C GLN A 62 4.67 0.08 21.84
N PRO A 63 5.58 0.15 22.83
CA PRO A 63 7.01 0.17 22.48
C PRO A 63 7.50 -1.18 21.98
N GLU A 64 8.30 -1.16 20.91
CA GLU A 64 8.90 -2.35 20.31
C GLU A 64 10.32 -2.00 19.99
N PRO A 65 11.31 -2.88 20.26
CA PRO A 65 12.71 -2.50 19.99
C PRO A 65 13.03 -2.05 18.56
N SER A 66 12.37 -2.65 17.55
CA SER A 66 12.56 -2.39 16.12
C SER A 66 11.80 -1.16 15.60
N LYS A 67 10.82 -0.69 16.37
CA LYS A 67 9.96 0.43 16.00
C LYS A 67 10.72 1.76 15.97
N ARG A 68 10.66 2.45 14.83
CA ARG A 68 11.31 3.75 14.70
C ARG A 68 10.48 4.67 13.81
N LEU A 69 10.26 5.90 14.28
CA LEU A 69 9.51 6.91 13.54
C LEU A 69 10.50 7.81 12.79
N TYR A 70 10.36 7.86 11.47
CA TYR A 70 11.27 8.63 10.63
C TYR A 70 10.60 9.86 10.13
N ASP A 71 11.35 10.97 10.11
CA ASP A 71 10.88 12.20 9.49
C ASP A 71 11.03 12.05 7.96
N VAL A 72 10.39 12.92 7.20
CA VAL A 72 10.42 12.84 5.75
C VAL A 72 11.12 14.11 5.20
N LEU A 73 12.16 13.90 4.39
CA LEU A 73 12.91 14.97 3.72
C LEU A 73 12.10 15.52 2.53
N ARG A 74 11.51 14.60 1.71
CA ARG A 74 10.75 14.96 0.51
C ARG A 74 9.56 14.04 0.31
N ALA A 75 8.43 14.58 -0.17
CA ALA A 75 7.22 13.82 -0.53
C ALA A 75 7.06 14.07 -2.03
N VAL A 76 7.14 12.99 -2.84
CA VAL A 76 7.12 13.06 -4.29
C VAL A 76 5.88 12.36 -4.86
N PRO A 77 4.77 13.08 -5.06
CA PRO A 77 3.60 12.45 -5.71
C PRO A 77 3.87 12.28 -7.21
N HIS A 78 3.26 11.27 -7.87
CA HIS A 78 3.44 11.09 -9.32
C HIS A 78 2.97 12.37 -10.03
N PRO A 79 3.78 12.95 -10.93
CA PRO A 79 3.37 14.19 -11.62
C PRO A 79 2.01 14.17 -12.33
N ASP A 80 1.56 12.99 -12.80
CA ASP A 80 0.30 12.80 -13.52
C ASP A 80 -0.87 12.43 -12.63
N SER A 81 -0.64 12.23 -11.32
CA SER A 81 -1.75 11.96 -10.39
C SER A 81 -2.67 13.18 -10.24
N GLN A 82 -3.96 12.92 -10.00
CA GLN A 82 -4.98 13.97 -9.89
C GLN A 82 -5.97 13.65 -8.80
N PRO A 83 -6.46 14.66 -8.04
CA PRO A 83 -7.45 14.38 -7.00
C PRO A 83 -8.67 13.57 -7.40
N ASP A 84 -9.22 13.78 -8.59
CA ASP A 84 -10.46 13.08 -8.97
C ASP A 84 -10.27 11.84 -9.85
N THR A 85 -9.08 11.22 -9.82
CA THR A 85 -8.85 10.01 -10.65
C THR A 85 -8.12 8.93 -9.86
N ILE A 86 -8.14 7.68 -10.35
CA ILE A 86 -7.43 6.57 -9.69
C ILE A 86 -6.11 6.29 -10.41
N ASP A 87 -5.78 7.12 -11.42
CA ASP A 87 -4.61 6.86 -12.23
C ASP A 87 -3.35 7.43 -11.65
N HIS A 88 -2.23 6.76 -11.91
CA HIS A 88 -0.87 7.25 -11.47
C HIS A 88 -0.86 7.58 -9.95
N ASP A 89 -1.62 6.82 -9.13
CA ASP A 89 -1.78 7.08 -7.69
C ASP A 89 -0.60 6.57 -6.86
N LEU A 90 0.57 7.12 -7.11
CA LEU A 90 1.79 6.70 -6.42
C LEU A 90 2.47 7.86 -5.78
N LEU A 91 3.13 7.60 -4.64
CA LEU A 91 3.82 8.62 -3.84
C LEU A 91 5.11 8.08 -3.28
N LEU A 92 6.23 8.77 -3.48
CA LEU A 92 7.49 8.32 -2.96
C LEU A 92 7.95 9.24 -1.84
N LEU A 93 8.25 8.62 -0.70
CA LEU A 93 8.66 9.37 0.49
C LEU A 93 10.08 9.13 0.82
N GLN A 94 10.87 10.21 0.81
CA GLN A 94 12.29 10.10 1.14
C GLN A 94 12.48 10.35 2.62
N LEU A 95 12.95 9.35 3.36
CA LEU A 95 13.17 9.47 4.81
C LEU A 95 14.32 10.43 5.07
N SER A 96 14.33 11.06 6.27
N SER A 96 14.33 11.07 6.25
CA SER A 96 15.37 12.01 6.71
CA SER A 96 15.38 12.03 6.59
C SER A 96 16.77 11.41 6.62
C SER A 96 16.79 11.42 6.64
N GLU A 97 16.87 10.09 6.79
CA GLU A 97 18.12 9.32 6.68
C GLU A 97 17.77 7.89 6.29
N LYS A 98 18.75 7.13 5.81
CA LYS A 98 18.56 5.73 5.43
C LYS A 98 18.07 5.01 6.68
N ALA A 99 17.12 4.09 6.53
CA ALA A 99 16.55 3.36 7.65
C ALA A 99 17.59 2.42 8.24
N THR A 100 17.52 2.20 9.55
CA THR A 100 18.36 1.21 10.21
C THR A 100 17.73 -0.16 9.86
N LEU A 101 18.45 -0.98 9.10
CA LEU A 101 17.99 -2.29 8.67
C LEU A 101 18.25 -3.36 9.69
N GLY A 102 17.45 -4.41 9.64
CA GLY A 102 17.54 -5.56 10.53
C GLY A 102 16.46 -6.58 10.21
N PRO A 103 16.29 -7.61 11.09
CA PRO A 103 15.25 -8.62 10.82
C PRO A 103 13.81 -8.08 10.74
N ALA A 104 13.51 -6.95 11.39
CA ALA A 104 12.17 -6.37 11.40
C ALA A 104 12.00 -5.14 10.47
N VAL A 105 13.09 -4.72 9.79
CA VAL A 105 13.14 -3.56 8.88
C VAL A 105 14.02 -3.94 7.67
N ARG A 106 13.38 -4.15 6.52
CA ARG A 106 14.12 -4.53 5.29
C ARG A 106 13.34 -4.11 4.05
N PRO A 107 13.96 -3.49 3.02
CA PRO A 107 13.20 -3.20 1.79
C PRO A 107 12.73 -4.48 1.10
N LEU A 108 11.63 -4.38 0.38
CA LEU A 108 11.08 -5.50 -0.35
C LEU A 108 11.45 -5.37 -1.79
N PRO A 109 11.94 -6.47 -2.41
CA PRO A 109 12.20 -6.47 -3.86
C PRO A 109 10.90 -6.21 -4.62
N TRP A 110 10.96 -5.34 -5.59
CA TRP A 110 9.78 -4.96 -6.32
C TRP A 110 9.86 -5.34 -7.81
N GLN A 111 8.71 -5.56 -8.45
CA GLN A 111 8.63 -6.01 -9.84
C GLN A 111 9.05 -4.96 -10.83
N ARG A 112 10.02 -5.28 -11.68
CA ARG A 112 10.43 -4.37 -12.73
C ARG A 112 10.02 -4.89 -14.10
N VAL A 113 9.66 -6.17 -14.20
CA VAL A 113 9.22 -6.74 -15.49
C VAL A 113 7.74 -6.43 -15.66
N ASP A 114 7.39 -5.69 -16.73
CA ASP A 114 6.03 -5.24 -16.99
C ASP A 114 5.18 -6.30 -17.72
N ARG A 115 4.79 -7.32 -16.96
CA ARG A 115 3.93 -8.41 -17.40
C ARG A 115 2.93 -8.61 -16.27
N ASP A 116 1.70 -8.95 -16.62
CA ASP A 116 0.63 -9.16 -15.62
C ASP A 116 0.86 -10.32 -14.68
N VAL A 117 0.39 -10.17 -13.43
CA VAL A 117 0.40 -11.28 -12.48
C VAL A 117 -0.75 -12.19 -12.98
N ALA A 118 -0.54 -13.52 -12.97
CA ALA A 118 -1.53 -14.46 -13.46
C ALA A 118 -2.82 -14.43 -12.64
N PRO A 119 -4.01 -14.44 -13.30
CA PRO A 119 -5.27 -14.52 -12.52
C PRO A 119 -5.28 -15.70 -11.55
N GLY A 120 -5.82 -15.49 -10.39
CA GLY A 120 -5.81 -16.54 -9.37
C GLY A 120 -4.61 -16.57 -8.45
N THR A 121 -3.49 -15.90 -8.82
CA THR A 121 -2.29 -15.86 -7.95
C THR A 121 -2.68 -15.31 -6.57
N LEU A 122 -2.27 -16.01 -5.51
CA LEU A 122 -2.58 -15.62 -4.13
C LEU A 122 -1.57 -14.59 -3.68
N CYS A 123 -2.04 -13.37 -3.43
CA CYS A 123 -1.20 -12.24 -3.01
C CYS A 123 -1.56 -11.76 -1.61
N ASP A 124 -0.55 -11.26 -0.93
CA ASP A 124 -0.71 -10.79 0.45
C ASP A 124 -0.86 -9.27 0.49
N VAL A 125 -1.84 -8.80 1.27
N VAL A 125 -1.87 -8.80 1.26
CA VAL A 125 -2.07 -7.38 1.51
CA VAL A 125 -2.17 -7.39 1.51
C VAL A 125 -2.19 -7.19 3.01
C VAL A 125 -2.16 -7.23 3.03
N ALA A 126 -1.43 -6.24 3.54
CA ALA A 126 -1.43 -5.96 4.97
C ALA A 126 -1.72 -4.52 5.25
N GLY A 127 -2.25 -4.24 6.44
CA GLY A 127 -2.48 -2.86 6.79
C GLY A 127 -3.08 -2.64 8.16
N TRP A 128 -3.19 -1.37 8.53
CA TRP A 128 -3.76 -0.92 9.81
C TRP A 128 -5.13 -0.21 9.51
N GLY A 129 -5.70 -0.48 8.32
CA GLY A 129 -7.00 0.07 7.93
C GLY A 129 -8.14 -0.52 8.75
N ILE A 130 -9.36 0.06 8.63
CA ILE A 130 -10.56 -0.36 9.38
C ILE A 130 -10.83 -1.86 9.19
N VAL A 131 -11.42 -2.50 10.22
CA VAL A 131 -11.67 -3.94 10.23
C VAL A 131 -13.15 -4.31 10.24
N ASN A 132 -14.03 -3.33 10.23
CA ASN A 132 -15.48 -3.58 10.15
C ASN A 132 -16.23 -2.35 9.60
N HIS A 133 -17.54 -2.49 9.35
CA HIS A 133 -18.33 -1.40 8.77
C HIS A 133 -18.46 -0.20 9.69
N ALA A 134 -18.41 -0.42 11.03
CA ALA A 134 -18.43 0.66 12.01
C ALA A 134 -17.15 1.56 11.98
N GLY A 135 -16.05 1.05 11.40
CA GLY A 135 -14.79 1.79 11.29
C GLY A 135 -13.75 1.51 12.37
N ARG A 136 -13.88 0.38 13.07
CA ARG A 136 -12.97 0.02 14.14
C ARG A 136 -11.54 -0.07 13.54
N ARG A 137 -10.61 0.61 14.20
CA ARG A 137 -9.20 0.69 13.84
C ARG A 137 -8.43 -0.30 14.70
N PRO A 138 -7.66 -1.20 14.07
CA PRO A 138 -6.88 -2.15 14.87
C PRO A 138 -5.60 -1.50 15.38
N ASP A 139 -5.10 -1.92 16.55
CA ASP A 139 -3.82 -1.39 17.02
C ASP A 139 -2.65 -2.03 16.29
N SER A 140 -2.81 -3.31 15.89
CA SER A 140 -1.74 -4.11 15.29
C SER A 140 -2.00 -4.49 13.85
N LEU A 141 -0.92 -4.76 13.12
CA LEU A 141 -0.99 -5.04 11.71
C LEU A 141 -1.88 -6.22 11.41
N GLN A 142 -2.77 -6.07 10.43
CA GLN A 142 -3.66 -7.14 9.95
C GLN A 142 -3.26 -7.50 8.54
N HIS A 143 -3.67 -8.67 8.06
CA HIS A 143 -3.39 -9.09 6.71
C HIS A 143 -4.45 -10.01 6.16
N VAL A 144 -4.46 -10.17 4.84
CA VAL A 144 -5.38 -11.06 4.14
C VAL A 144 -4.71 -11.51 2.83
N LEU A 145 -4.96 -12.75 2.44
CA LEU A 145 -4.46 -13.36 1.21
C LEU A 145 -5.57 -13.25 0.21
N LEU A 146 -5.31 -12.60 -0.92
CA LEU A 146 -6.32 -12.36 -1.93
C LEU A 146 -5.88 -12.90 -3.30
N PRO A 147 -6.79 -13.57 -4.02
CA PRO A 147 -6.44 -14.02 -5.38
C PRO A 147 -6.61 -12.88 -6.39
N VAL A 148 -5.64 -12.76 -7.32
CA VAL A 148 -5.71 -11.72 -8.34
C VAL A 148 -6.91 -11.97 -9.25
N LEU A 149 -7.64 -10.90 -9.59
CA LEU A 149 -8.78 -11.00 -10.48
C LEU A 149 -8.36 -10.50 -11.88
N ASP A 150 -8.59 -11.29 -12.94
CA ASP A 150 -8.28 -10.92 -14.33
C ASP A 150 -8.93 -9.56 -14.68
N ARG A 151 -8.19 -8.74 -15.41
CA ARG A 151 -8.58 -7.36 -15.79
C ARG A 151 -9.90 -7.28 -16.51
N ALA A 152 -10.15 -8.19 -17.49
CA ALA A 152 -11.42 -8.23 -18.24
C ALA A 152 -12.64 -8.41 -17.31
N THR A 153 -12.60 -9.34 -16.33
CA THR A 153 -13.73 -9.48 -15.37
C THR A 153 -13.86 -8.19 -14.56
N CYS A 154 -12.73 -7.65 -14.13
CA CYS A 154 -12.69 -6.42 -13.35
C CYS A 154 -13.26 -5.22 -14.06
N ASN A 155 -13.10 -5.20 -15.39
CA ASN A 155 -13.60 -4.16 -16.30
C ASN A 155 -15.07 -4.30 -16.73
N ARG A 156 -15.79 -5.40 -16.34
CA ARG A 156 -17.22 -5.53 -16.70
C ARG A 156 -18.05 -4.37 -16.12
N ARG A 157 -19.20 -4.04 -16.80
CA ARG A 157 -20.15 -2.99 -16.40
C ARG A 157 -20.61 -3.21 -14.95
N THR A 158 -20.83 -4.49 -14.56
CA THR A 158 -21.23 -4.90 -13.20
C THR A 158 -20.11 -4.61 -12.16
N HIS A 159 -18.85 -4.53 -12.61
CA HIS A 159 -17.70 -4.35 -11.73
C HIS A 159 -17.16 -2.92 -11.80
N HIS A 160 -15.94 -2.69 -12.35
CA HIS A 160 -15.35 -1.34 -12.41
C HIS A 160 -15.49 -0.64 -13.77
N ASP A 161 -16.31 -1.24 -14.68
CA ASP A 161 -16.81 -0.67 -15.93
C ASP A 161 -15.77 0.11 -16.77
N GLY A 162 -14.72 -0.59 -17.19
CA GLY A 162 -13.66 -0.06 -18.05
C GLY A 162 -12.62 0.85 -17.41
N ALA A 163 -12.71 1.09 -16.09
CA ALA A 163 -11.75 1.98 -15.43
C ALA A 163 -10.37 1.32 -15.19
N ILE A 164 -10.26 -0.02 -15.33
CA ILE A 164 -8.98 -0.70 -15.07
C ILE A 164 -8.07 -0.66 -16.27
N THR A 165 -7.09 0.28 -16.27
CA THR A 165 -6.14 0.37 -17.38
C THR A 165 -5.09 -0.74 -17.26
N GLU A 166 -4.19 -0.85 -18.24
CA GLU A 166 -3.10 -1.82 -18.19
C GLU A 166 -2.09 -1.53 -17.04
N ARG A 167 -2.16 -0.31 -16.48
CA ARG A 167 -1.24 0.08 -15.39
C ARG A 167 -1.85 -0.30 -14.03
N LEU A 168 -3.07 -0.84 -14.04
CA LEU A 168 -3.77 -1.21 -12.81
C LEU A 168 -4.06 -2.68 -12.77
N MET A 169 -4.24 -3.21 -11.56
CA MET A 169 -4.60 -4.62 -11.41
C MET A 169 -5.72 -4.80 -10.38
N CYS A 170 -6.36 -5.99 -10.36
CA CYS A 170 -7.46 -6.25 -9.43
C CYS A 170 -7.24 -7.49 -8.60
N ALA A 171 -7.90 -7.54 -7.44
CA ALA A 171 -7.89 -8.74 -6.61
C ALA A 171 -9.30 -8.92 -6.16
N GLU A 172 -9.68 -10.14 -5.84
CA GLU A 172 -11.05 -10.36 -5.36
C GLU A 172 -11.32 -9.63 -4.05
N SER A 173 -12.59 -9.27 -3.84
CA SER A 173 -13.07 -8.50 -2.70
C SER A 173 -14.24 -9.20 -2.02
N ASN A 174 -14.39 -10.52 -2.17
CA ASN A 174 -15.49 -11.25 -1.57
C ASN A 174 -15.24 -11.47 -0.07
N ARG A 175 -15.79 -10.55 0.75
CA ARG A 175 -15.73 -10.46 2.22
C ARG A 175 -14.31 -10.10 2.70
N ARG A 176 -13.26 -10.70 2.11
CA ARG A 176 -11.85 -10.41 2.40
C ARG A 176 -11.46 -9.27 1.46
N ASP A 177 -10.97 -8.15 2.02
CA ASP A 177 -10.60 -6.97 1.21
C ASP A 177 -9.73 -5.99 1.96
N SER A 178 -9.15 -5.02 1.23
CA SER A 178 -8.46 -3.91 1.86
C SER A 178 -9.55 -2.85 2.08
N CYS A 179 -9.36 -1.96 3.03
CA CYS A 179 -10.40 -0.97 3.30
C CYS A 179 -9.78 0.36 3.63
N LYS A 180 -10.54 1.31 4.18
CA LYS A 180 -10.12 2.66 4.56
C LYS A 180 -8.93 2.59 5.53
N GLY A 181 -7.84 3.26 5.17
CA GLY A 181 -6.57 3.24 5.91
C GLY A 181 -5.56 2.20 5.42
N ASP A 182 -5.95 1.30 4.49
CA ASP A 182 -5.05 0.30 3.87
C ASP A 182 -4.43 0.87 2.60
N SER A 183 -5.02 1.94 2.09
CA SER A 183 -4.55 2.73 0.96
C SER A 183 -3.04 2.98 1.00
N GLY A 184 -2.35 2.80 -0.14
CA GLY A 184 -0.91 2.99 -0.20
C GLY A 184 -0.05 1.81 0.22
N GLY A 185 -0.70 0.78 0.76
CA GLY A 185 -0.05 -0.43 1.26
C GLY A 185 0.34 -1.41 0.18
N PRO A 186 1.13 -2.43 0.53
CA PRO A 186 1.65 -3.34 -0.49
C PRO A 186 0.78 -4.58 -0.80
N LEU A 187 0.76 -5.00 -2.07
CA LEU A 187 0.17 -6.24 -2.58
C LEU A 187 1.39 -7.05 -3.02
N VAL A 188 1.72 -8.10 -2.28
CA VAL A 188 2.92 -8.87 -2.48
C VAL A 188 2.59 -10.25 -3.05
N CYS A 189 3.19 -10.61 -4.20
CA CYS A 189 2.93 -11.92 -4.82
C CYS A 189 4.26 -12.62 -4.98
N GLY A 190 4.39 -13.85 -4.43
CA GLY A 190 5.61 -14.64 -4.47
C GLY A 190 6.83 -13.91 -3.95
N GLY A 191 6.66 -13.23 -2.81
CA GLY A 191 7.70 -12.48 -2.14
C GLY A 191 8.18 -11.24 -2.87
N VAL A 192 7.41 -10.77 -3.90
CA VAL A 192 7.80 -9.60 -4.68
C VAL A 192 6.68 -8.57 -4.67
N LEU A 193 7.00 -7.27 -4.53
CA LEU A 193 5.97 -6.24 -4.56
C LEU A 193 5.42 -6.12 -5.98
N GLU A 194 4.09 -6.29 -6.12
CA GLU A 194 3.41 -6.19 -7.41
C GLU A 194 2.49 -4.98 -7.52
N GLY A 195 1.87 -4.60 -6.41
CA GLY A 195 0.91 -3.51 -6.43
C GLY A 195 0.88 -2.63 -5.21
N VAL A 196 0.27 -1.45 -5.35
CA VAL A 196 0.06 -0.51 -4.24
C VAL A 196 -1.43 -0.25 -4.18
N VAL A 197 -2.05 -0.49 -2.99
CA VAL A 197 -3.49 -0.28 -2.80
C VAL A 197 -3.84 1.14 -3.25
N THR A 198 -4.85 1.28 -4.12
CA THR A 198 -5.25 2.64 -4.54
C THR A 198 -5.87 3.36 -3.32
N SER A 199 -5.71 4.69 -3.29
CA SER A 199 -6.19 5.48 -2.16
C SER A 199 -7.54 6.20 -2.44
N GLY A 200 -8.22 5.79 -3.49
CA GLY A 200 -9.55 6.29 -3.78
C GLY A 200 -10.54 5.53 -2.92
N SER A 201 -11.47 6.27 -2.26
CA SER A 201 -12.52 5.70 -1.41
C SER A 201 -13.33 4.69 -2.25
N ARG A 202 -13.43 3.47 -1.76
CA ARG A 202 -14.12 2.39 -2.42
C ARG A 202 -14.82 1.55 -1.39
N VAL A 203 -15.97 0.99 -1.76
CA VAL A 203 -16.70 0.10 -0.85
C VAL A 203 -15.82 -1.13 -0.56
N CYS A 204 -15.80 -1.60 0.71
CA CYS A 204 -14.97 -2.75 1.08
C CYS A 204 -15.78 -4.00 1.32
N GLY A 205 -15.23 -5.12 0.87
CA GLY A 205 -15.82 -6.42 1.08
C GLY A 205 -16.98 -6.80 0.18
N ASN A 206 -17.22 -6.02 -0.87
CA ASN A 206 -18.26 -6.29 -1.88
C ASN A 206 -17.61 -6.93 -3.12
N ARG A 207 -17.96 -8.20 -3.43
CA ARG A 207 -17.45 -8.94 -4.59
C ARG A 207 -17.62 -8.24 -5.94
N LYS A 208 -18.65 -7.36 -6.07
CA LYS A 208 -18.91 -6.67 -7.34
C LYS A 208 -18.07 -5.40 -7.54
N LYS A 209 -17.26 -5.01 -6.53
CA LYS A 209 -16.36 -3.86 -6.63
C LYS A 209 -14.98 -4.33 -6.15
N PRO A 210 -14.21 -5.07 -7.01
CA PRO A 210 -12.91 -5.63 -6.59
C PRO A 210 -11.90 -4.60 -6.08
N GLY A 211 -10.88 -5.08 -5.39
CA GLY A 211 -9.79 -4.24 -4.95
C GLY A 211 -9.01 -3.76 -6.14
N ILE A 212 -8.59 -2.48 -6.14
CA ILE A 212 -7.79 -1.93 -7.24
C ILE A 212 -6.39 -1.63 -6.70
N TYR A 213 -5.32 -2.02 -7.43
CA TYR A 213 -3.93 -1.84 -6.99
C TYR A 213 -3.15 -1.31 -8.17
N THR A 214 -2.30 -0.30 -7.94
CA THR A 214 -1.49 0.26 -9.03
C THR A 214 -0.33 -0.72 -9.29
N ARG A 215 -0.07 -1.09 -10.56
CA ARG A 215 1.02 -2.03 -10.84
C ARG A 215 2.38 -1.33 -10.78
N VAL A 216 3.26 -1.73 -9.84
CA VAL A 216 4.55 -1.05 -9.70
C VAL A 216 5.41 -1.23 -10.95
N ALA A 217 5.31 -2.37 -11.63
CA ALA A 217 6.11 -2.62 -12.85
C ALA A 217 5.86 -1.62 -13.93
N SER A 218 4.64 -1.09 -13.99
CA SER A 218 4.23 -0.09 -14.96
C SER A 218 4.89 1.28 -14.68
N TYR A 219 5.39 1.51 -13.46
CA TYR A 219 6.00 2.78 -13.08
C TYR A 219 7.46 2.63 -12.73
N ALA A 220 8.14 1.56 -13.20
CA ALA A 220 9.56 1.31 -12.88
C ALA A 220 10.49 2.46 -13.19
N ALA A 221 10.37 3.04 -14.40
CA ALA A 221 11.17 4.20 -14.81
C ALA A 221 10.92 5.43 -13.91
N TRP A 222 9.66 5.69 -13.51
CA TRP A 222 9.37 6.83 -12.62
C TRP A 222 9.99 6.63 -11.24
N ILE A 223 9.87 5.41 -10.68
CA ILE A 223 10.44 5.11 -9.35
C ILE A 223 11.96 5.31 -9.40
N ASP A 224 12.62 4.80 -10.46
CA ASP A 224 14.07 4.96 -10.65
C ASP A 224 14.48 6.42 -10.77
N SER A 225 13.74 7.21 -11.59
N SER A 225 13.75 7.22 -11.58
CA SER A 225 14.00 8.63 -11.78
CA SER A 225 14.04 8.65 -11.78
C SER A 225 14.02 9.37 -10.44
C SER A 225 13.96 9.47 -10.47
N VAL A 226 13.00 9.14 -9.59
CA VAL A 226 12.84 9.82 -8.30
C VAL A 226 13.98 9.51 -7.34
N LEU A 227 14.30 8.22 -7.19
CA LEU A 227 15.37 7.78 -6.31
C LEU A 227 16.73 8.35 -6.73
N ALA A 228 16.92 8.58 -8.05
CA ALA A 228 18.14 9.16 -8.59
C ALA A 228 18.19 10.66 -8.30
C1 E7H B . -7.21 9.11 3.75
C2 E7H B . -9.01 8.46 1.46
C3 E7H B . -8.29 7.31 2.27
C11 E7H B . -9.15 6.06 2.32
C15 E7H B . -12.68 5.20 2.44
C16 E7H B . -13.63 4.15 2.52
C17 E7H B . -13.28 2.88 2.04
C18 E7H B . -11.39 5.01 1.89
C19 E7H B . -11.12 3.75 1.35
C20 E7H B . -12.02 2.70 1.44
C22 E7H B . -10.29 1.82 0.42
C23 E7H B . -9.94 3.10 0.68
C24 E7H B . -9.37 0.85 -0.23
C4 E7H B . -6.89 7.05 1.62
C5 E7H B . -6.05 8.35 1.62
C6 E7H B . -6.78 9.48 0.82
C7 E7H B . -8.16 9.78 1.48
C8 E7H B . -8.06 7.80 3.74
C9 E7H B . -5.83 8.82 3.09
C10 E7H B . -7.96 10.22 2.96
N12 E7H B . -10.45 6.09 1.85
O13 E7H B . -8.64 5.06 2.80
N14 E7H B . -8.90 10.85 0.76
N21 E7H B . -11.50 1.60 0.87
N25 E7H B . -8.25 1.20 -0.85
O26 E7H B . -9.63 -0.33 -0.16
C1 GOL C . -4.26 -9.58 -15.26
O1 GOL C . -5.49 -9.81 -15.93
C2 GOL C . -4.49 -9.30 -13.80
O2 GOL C . -3.21 -9.17 -13.15
C3 GOL C . -5.28 -8.03 -13.58
O3 GOL C . -5.67 -7.92 -12.21
#